data_7JWW
#
_entry.id   7JWW
#
_cell.length_a   108.944
_cell.length_b   108.944
_cell.length_c   83.092
_cell.angle_alpha   90.000
_cell.angle_beta   90.000
_cell.angle_gamma   90.000
#
_symmetry.space_group_name_H-M   'P 4 2 2'
#
loop_
_entity.id
_entity.type
_entity.pdbx_description
1 polymer 'Retinal dehydrogenase 1'
2 non-polymer 'YTTERBIUM (III) ION'
3 non-polymer 5-{4-[(Z)-2-hydroxyethenyl]phenyl}-1-methyl-6-{[(1R)-1-phenylethyl]sulfanyl}-1,5-dihydro-4H-pyrazolo[3,4-d]pyrimidin-4-one
4 non-polymer 'CHLORIDE ION'
5 water water
#
_entity_poly.entity_id   1
_entity_poly.type   'polypeptide(L)'
_entity_poly.pdbx_seq_one_letter_code
;MSSSGTPDLPVLLTDLKIQYTKIFINNEWHDSVSGKKFPVFNPATEEELCQVEEGDKEDVDKAVKAARQAFQIGSPWRTM
DASERGRLLYKLADLIERDRLLLATMESMNGGKLYSNAYLSDLAGCIKTLRYCAGWADKIQGRTIPIDGNFFTYTRHEPI
GVCGQIIPWNFPLVMLIWKIGPALSCGNTVVVKPAEQTPLTALHVASLIKEAGFPPGVVNIVPGYGPTAGAAISSHMDID
KVAFTGSTEVGKLIKEAAGKSNLKRVTLELGGKSPCIVLADADLDNAVEFAHHGVFYHQGQCCIAASRIFVEESIYDEFV
RRSVERAKKYILGNPLTPGVTQGPQIDKEQYDKILDLIESGKKEGAKLECGGGPWGNKGYFVQPTVFSNVTDEMRIAKEE
IFGPVQQIMKFKSLDDVIKRANNTFYGLSAGVFTKDIDKAITISSALQAGTVWVNCYGVVSAQCPFGGFKMSGNGRELGE
YGFHEYTEVKTVTVKISQKNS
;
_entity_poly.pdbx_strand_id   A
#
# COMPACT_ATOMS: atom_id res chain seq x y z
N ASP A 8 -5.03 -9.75 23.16
CA ASP A 8 -3.90 -9.20 23.99
C ASP A 8 -3.38 -7.88 23.40
N LEU A 9 -3.71 -6.76 24.07
CA LEU A 9 -3.25 -5.44 23.62
C LEU A 9 -2.34 -4.77 24.65
N PRO A 10 -1.04 -5.10 24.61
CA PRO A 10 -0.05 -4.45 25.46
C PRO A 10 0.28 -3.04 24.97
N VAL A 11 0.84 -2.23 25.85
CA VAL A 11 1.25 -0.86 25.51
C VAL A 11 2.67 -0.53 26.01
N LEU A 12 3.19 0.56 25.45
CA LEU A 12 4.47 1.15 25.84
C LEU A 12 4.34 1.83 27.21
N LEU A 13 5.27 1.55 28.12
CA LEU A 13 5.17 1.99 29.51
C LEU A 13 5.68 3.42 29.72
N THR A 14 6.82 3.73 29.11
CA THR A 14 7.31 5.11 29.06
C THR A 14 6.74 5.80 27.82
N ASP A 15 6.74 7.13 27.83
CA ASP A 15 6.32 7.93 26.68
C ASP A 15 7.34 7.75 25.55
N LEU A 16 6.86 7.76 24.31
CA LEU A 16 7.70 7.60 23.12
C LEU A 16 8.56 8.85 22.95
N LYS A 17 9.85 8.65 22.66
CA LYS A 17 10.74 9.74 22.24
C LYS A 17 11.14 9.51 20.79
N ILE A 18 11.07 10.57 19.98
CA ILE A 18 11.52 10.51 18.59
C ILE A 18 13.04 10.66 18.61
N GLN A 19 13.72 9.75 17.90
CA GLN A 19 15.18 9.70 17.82
C GLN A 19 15.70 9.93 16.40
N TYR A 20 15.17 9.20 15.41
CA TYR A 20 15.70 9.23 14.04
C TYR A 20 14.91 10.20 13.16
N THR A 21 15.58 11.26 12.72
CA THR A 21 14.97 12.36 11.98
C THR A 21 15.80 12.77 10.75
N LYS A 22 16.77 11.97 10.37
CA LYS A 22 17.72 12.34 9.32
C LYS A 22 17.64 11.43 8.09
N ILE A 23 18.22 11.91 7.00
CA ILE A 23 18.32 11.17 5.75
C ILE A 23 19.31 10.02 5.94
N PHE A 24 18.91 8.80 5.57
CA PHE A 24 19.70 7.57 5.83
C PHE A 24 20.35 7.13 4.53
N ILE A 25 21.66 7.32 4.40
CA ILE A 25 22.43 6.92 3.19
C ILE A 25 23.70 6.20 3.63
N ASN A 26 24.04 5.08 2.97
CA ASN A 26 25.24 4.28 3.31
C ASN A 26 25.33 3.93 4.81
N ASN A 27 24.18 3.63 5.41
CA ASN A 27 24.03 3.30 6.84
C ASN A 27 24.55 4.34 7.83
N GLU A 28 24.40 5.59 7.44
CA GLU A 28 24.72 6.69 8.33
C GLU A 28 23.70 7.80 8.10
N TRP A 29 23.60 8.67 9.10
CA TRP A 29 22.59 9.71 9.17
C TRP A 29 23.12 11.01 8.59
N HIS A 30 22.41 11.55 7.60
CA HIS A 30 22.85 12.73 6.85
C HIS A 30 21.91 13.91 7.06
N ASP A 31 22.48 15.09 7.24
CA ASP A 31 21.74 16.33 7.08
C ASP A 31 21.45 16.51 5.60
N SER A 32 20.38 17.21 5.31
CA SER A 32 20.05 17.62 3.95
C SER A 32 21.14 18.52 3.34
N VAL A 33 21.31 18.44 2.02
CA VAL A 33 22.32 19.23 1.28
C VAL A 33 22.08 20.73 1.43
N SER A 34 20.82 21.14 1.32
CA SER A 34 20.43 22.52 1.60
C SER A 34 20.60 22.87 3.07
N GLY A 35 20.25 21.91 3.93
CA GLY A 35 20.21 22.12 5.38
C GLY A 35 18.82 22.47 5.86
N LYS A 36 17.82 22.35 4.98
CA LYS A 36 16.42 22.57 5.33
C LYS A 36 15.83 21.36 6.04
N LYS A 37 14.81 21.65 6.85
CA LYS A 37 14.04 20.62 7.55
C LYS A 37 12.55 20.95 7.43
N PHE A 38 11.70 19.94 7.60
CA PHE A 38 10.25 20.10 7.49
C PHE A 38 9.51 19.47 8.69
N PRO A 39 8.39 20.08 9.13
CA PRO A 39 7.70 19.58 10.31
C PRO A 39 6.80 18.38 10.04
N VAL A 40 6.61 17.57 11.07
CA VAL A 40 5.77 16.38 11.02
C VAL A 40 4.75 16.50 12.15
N PHE A 41 3.47 16.25 11.83
CA PHE A 41 2.36 16.57 12.74
C PHE A 41 1.61 15.33 13.24
N ASN A 42 0.97 15.45 14.41
CA ASN A 42 -0.04 14.48 14.83
C ASN A 42 -1.38 14.91 14.22
N PRO A 43 -2.00 14.05 13.36
CA PRO A 43 -3.28 14.44 12.78
C PRO A 43 -4.45 14.54 13.75
N ALA A 44 -4.32 13.93 14.93
CA ALA A 44 -5.39 13.91 15.93
C ALA A 44 -5.40 15.19 16.77
N THR A 45 -4.21 15.76 17.02
CA THR A 45 -4.09 17.02 17.78
C THR A 45 -3.72 18.26 16.95
N GLU A 46 -3.30 18.05 15.70
CA GLU A 46 -2.73 19.10 14.83
C GLU A 46 -1.42 19.71 15.37
N GLU A 47 -0.79 19.04 16.35
CA GLU A 47 0.43 19.52 16.97
C GLU A 47 1.65 18.95 16.24
N GLU A 48 2.72 19.74 16.22
CA GLU A 48 3.97 19.34 15.63
C GLU A 48 4.62 18.33 16.56
N LEU A 49 5.00 17.18 16.00
CA LEU A 49 5.69 16.10 16.72
C LEU A 49 7.19 16.33 16.75
N CYS A 50 7.74 16.72 15.59
CA CYS A 50 9.18 16.96 15.40
C CYS A 50 9.41 17.52 13.98
N GLN A 51 10.72 17.84 13.75
CA GLN A 51 11.19 18.20 12.42
C GLN A 51 12.12 17.13 11.89
N VAL A 52 12.06 16.92 10.58
CA VAL A 52 12.81 15.88 9.87
C VAL A 52 13.60 16.56 8.75
N GLU A 53 14.76 16.01 8.40
CA GLU A 53 15.62 16.59 7.36
C GLU A 53 14.93 16.47 6.00
N GLU A 54 14.87 17.58 5.26
CA GLU A 54 14.15 17.62 3.99
C GLU A 54 15.04 17.23 2.82
N GLY A 55 14.85 16.01 2.33
CA GLY A 55 15.56 15.54 1.15
C GLY A 55 15.01 16.20 -0.09
N ASP A 56 15.92 16.56 -0.99
CA ASP A 56 15.56 17.13 -2.29
C ASP A 56 16.36 16.38 -3.38
N LYS A 57 16.35 16.88 -4.61
CA LYS A 57 17.03 16.24 -5.75
C LYS A 57 18.51 15.95 -5.48
N GLU A 58 19.18 16.90 -4.82
CA GLU A 58 20.60 16.78 -4.48
C GLU A 58 20.85 15.59 -3.51
N ASP A 59 19.90 15.33 -2.61
CA ASP A 59 20.00 14.22 -1.64
C ASP A 59 19.65 12.88 -2.24
N VAL A 60 18.64 12.88 -3.12
CA VAL A 60 18.31 11.71 -3.92
C VAL A 60 19.54 11.30 -4.74
N ASP A 61 20.31 12.27 -5.24
CA ASP A 61 21.51 11.97 -6.03
C ASP A 61 22.58 11.25 -5.20
N LYS A 62 22.78 11.68 -3.96
CA LYS A 62 23.67 10.97 -3.01
C LYS A 62 23.16 9.56 -2.71
N ALA A 63 21.85 9.42 -2.54
CA ALA A 63 21.24 8.13 -2.28
C ALA A 63 21.38 7.15 -3.46
N VAL A 64 21.19 7.62 -4.70
CA VAL A 64 21.35 6.79 -5.91
C VAL A 64 22.81 6.38 -6.14
N LYS A 65 23.75 7.31 -5.92
CA LYS A 65 25.17 6.93 -6.03
C LYS A 65 25.54 5.83 -5.00
N ALA A 66 24.93 5.84 -3.83
CA ALA A 66 25.19 4.84 -2.79
C ALA A 66 24.59 3.50 -3.15
N ALA A 67 23.35 3.55 -3.66
CA ALA A 67 22.65 2.38 -4.17
C ALA A 67 23.37 1.74 -5.35
N ARG A 68 23.87 2.58 -6.25
CA ARG A 68 24.60 2.10 -7.43
C ARG A 68 25.90 1.41 -7.04
N GLN A 69 26.64 1.99 -6.09
CA GLN A 69 27.88 1.37 -5.62
C GLN A 69 27.63 0.03 -4.89
N ALA A 70 26.58 -0.02 -4.08
CA ALA A 70 26.20 -1.27 -3.40
C ALA A 70 25.74 -2.37 -4.38
N PHE A 71 25.25 -1.95 -5.55
CA PHE A 71 24.86 -2.88 -6.61
C PHE A 71 26.00 -3.35 -7.53
N GLN A 72 27.21 -2.79 -7.40
CA GLN A 72 28.27 -3.11 -8.38
C GLN A 72 28.67 -4.59 -8.32
N ILE A 73 28.90 -5.19 -9.49
CA ILE A 73 29.47 -6.53 -9.57
C ILE A 73 30.67 -6.64 -8.61
N GLY A 74 30.70 -7.71 -7.80
CA GLY A 74 31.79 -7.93 -6.84
C GLY A 74 31.56 -7.34 -5.46
N SER A 75 30.48 -6.57 -5.29
CA SER A 75 30.14 -6.00 -3.98
C SER A 75 29.65 -7.05 -3.01
N PRO A 76 29.69 -6.74 -1.70
CA PRO A 76 29.11 -7.67 -0.74
C PRO A 76 27.65 -8.08 -0.99
N TRP A 77 26.78 -7.14 -1.34
CA TRP A 77 25.37 -7.47 -1.62
C TRP A 77 25.20 -8.35 -2.87
N ARG A 78 26.00 -8.12 -3.91
CA ARG A 78 25.92 -8.94 -5.12
C ARG A 78 26.52 -10.34 -4.95
N THR A 79 27.55 -10.46 -4.13
CA THR A 79 28.26 -11.73 -3.98
C THR A 79 27.80 -12.62 -2.81
N MET A 80 27.07 -12.07 -1.84
CA MET A 80 26.64 -12.90 -0.72
C MET A 80 25.64 -13.96 -1.17
N ASP A 81 25.57 -15.04 -0.42
CA ASP A 81 24.64 -16.10 -0.75
C ASP A 81 23.23 -15.51 -0.71
N ALA A 82 22.40 -15.96 -1.65
CA ALA A 82 20.96 -15.62 -1.61
C ALA A 82 20.38 -15.96 -0.25
N SER A 83 20.78 -17.11 0.30
CA SER A 83 20.29 -17.54 1.61
C SER A 83 20.60 -16.50 2.68
N GLU A 84 21.73 -15.81 2.54
CA GLU A 84 22.16 -14.76 3.46
C GLU A 84 21.35 -13.46 3.28
N ARG A 85 20.96 -13.11 2.05
CA ARG A 85 19.98 -12.03 1.87
C ARG A 85 18.72 -12.37 2.67
N GLY A 86 18.30 -13.63 2.60
CA GLY A 86 17.12 -14.10 3.33
C GLY A 86 17.27 -13.95 4.83
N ARG A 87 18.41 -14.41 5.33
CA ARG A 87 18.76 -14.30 6.75
C ARG A 87 18.67 -12.87 7.28
N LEU A 88 19.21 -11.92 6.52
CA LEU A 88 19.17 -10.49 6.88
C LEU A 88 17.74 -9.98 6.97
N LEU A 89 16.93 -10.39 6.01
CA LEU A 89 15.52 -10.06 6.05
C LEU A 89 14.78 -10.67 7.26
N TYR A 90 15.06 -11.94 7.58
N TYR A 90 15.06 -11.94 7.56
CA TYR A 90 14.42 -12.56 8.76
CA TYR A 90 14.49 -12.61 8.75
C TYR A 90 14.93 -11.90 10.05
C TYR A 90 14.92 -11.87 10.01
N LYS A 91 16.19 -11.48 10.05
CA LYS A 91 16.72 -10.71 11.18
C LYS A 91 16.03 -9.37 11.31
N LEU A 92 15.79 -8.69 10.20
CA LEU A 92 15.07 -7.42 10.25
C LEU A 92 13.69 -7.59 10.83
N ALA A 93 13.00 -8.65 10.43
CA ALA A 93 11.69 -8.99 11.00
C ALA A 93 11.73 -9.24 12.51
N ASP A 94 12.77 -9.92 13.00
CA ASP A 94 12.90 -10.15 14.46
C ASP A 94 13.08 -8.85 15.21
N LEU A 95 13.81 -7.92 14.60
CA LEU A 95 14.08 -6.60 15.20
C LEU A 95 12.82 -5.72 15.24
N ILE A 96 12.06 -5.75 14.15
CA ILE A 96 10.76 -5.09 14.12
C ILE A 96 9.81 -5.71 15.17
N GLU A 97 9.85 -7.03 15.31
CA GLU A 97 9.06 -7.68 16.37
C GLU A 97 9.51 -7.19 17.75
N ARG A 98 10.82 -7.15 18.00
CA ARG A 98 11.35 -6.63 19.27
C ARG A 98 10.84 -5.19 19.56
N ASP A 99 10.84 -4.35 18.53
CA ASP A 99 10.38 -2.98 18.65
C ASP A 99 8.92 -2.74 18.25
N ARG A 100 8.09 -3.77 18.36
CA ARG A 100 6.67 -3.71 17.95
C ARG A 100 5.86 -2.63 18.70
N LEU A 101 6.07 -2.50 20.01
CA LEU A 101 5.33 -1.51 20.79
C LEU A 101 5.69 -0.10 20.37
N LEU A 102 7.00 0.16 20.31
CA LEU A 102 7.52 1.44 19.85
C LEU A 102 7.04 1.79 18.46
N LEU A 103 7.13 0.83 17.54
CA LEU A 103 6.74 1.09 16.16
C LEU A 103 5.24 1.32 16.01
N ALA A 104 4.42 0.49 16.64
CA ALA A 104 2.96 0.66 16.63
C ALA A 104 2.52 2.00 17.23
N THR A 105 3.20 2.44 18.30
CA THR A 105 2.87 3.71 18.95
C THR A 105 3.22 4.89 18.02
N MET A 106 4.46 4.86 17.50
CA MET A 106 4.92 5.85 16.52
C MET A 106 4.02 5.85 15.28
N GLU A 107 3.66 4.67 14.77
CA GLU A 107 2.74 4.56 13.64
C GLU A 107 1.38 5.17 13.95
N SER A 108 0.86 4.88 15.14
CA SER A 108 -0.44 5.43 15.58
C SER A 108 -0.42 6.96 15.71
N MET A 109 0.59 7.46 16.42
CA MET A 109 0.74 8.88 16.72
C MET A 109 1.00 9.75 15.47
N ASN A 110 1.83 9.26 14.55
CA ASN A 110 2.20 10.02 13.35
C ASN A 110 1.19 9.85 12.22
N GLY A 111 0.62 8.65 12.08
CA GLY A 111 -0.30 8.30 10.99
C GLY A 111 -1.78 8.52 11.25
N GLY A 112 -2.14 8.84 12.51
CA GLY A 112 -3.53 8.98 12.89
C GLY A 112 -4.26 7.65 12.90
N LYS A 113 -3.53 6.57 13.22
CA LYS A 113 -3.99 5.20 13.03
C LYS A 113 -4.33 4.58 14.38
N LEU A 114 -5.54 4.03 14.54
CA LEU A 114 -5.97 3.35 15.78
C LEU A 114 -4.89 2.41 16.29
N TYR A 115 -4.47 2.58 17.54
CA TYR A 115 -3.33 1.82 18.07
C TYR A 115 -3.60 0.31 18.07
N SER A 116 -4.81 -0.12 18.42
CA SER A 116 -5.16 -1.55 18.41
CA SER A 116 -5.18 -1.54 18.39
C SER A 116 -4.86 -2.16 17.03
N ASN A 117 -5.30 -1.48 15.97
CA ASN A 117 -5.07 -1.92 14.60
C ASN A 117 -3.58 -1.83 14.24
N ALA A 118 -2.93 -0.74 14.64
CA ALA A 118 -1.49 -0.59 14.41
C ALA A 118 -0.72 -1.76 14.98
N TYR A 119 -1.01 -2.11 16.24
CA TYR A 119 -0.28 -3.17 16.93
C TYR A 119 -0.67 -4.57 16.42
N LEU A 120 -1.98 -4.85 16.37
CA LEU A 120 -2.47 -6.19 16.03
C LEU A 120 -2.44 -6.55 14.54
N SER A 121 -2.66 -5.57 13.65
CA SER A 121 -2.73 -5.82 12.20
CA SER A 121 -2.74 -5.81 12.21
C SER A 121 -1.52 -5.27 11.46
N ASP A 122 -1.30 -3.96 11.52
CA ASP A 122 -0.20 -3.35 10.76
C ASP A 122 1.13 -3.97 11.11
N LEU A 123 1.49 -4.03 12.39
CA LEU A 123 2.79 -4.62 12.77
C LEU A 123 2.88 -6.12 12.54
N ALA A 124 1.79 -6.85 12.78
CA ALA A 124 1.76 -8.29 12.48
C ALA A 124 1.96 -8.55 10.97
N GLY A 125 1.30 -7.74 10.13
CA GLY A 125 1.43 -7.89 8.68
C GLY A 125 2.82 -7.51 8.18
N CYS A 126 3.40 -6.52 8.82
CA CYS A 126 4.80 -6.10 8.54
CA CYS A 126 4.76 -6.10 8.53
C CYS A 126 5.78 -7.22 8.80
N ILE A 127 5.70 -7.80 9.99
CA ILE A 127 6.57 -8.89 10.40
C ILE A 127 6.35 -10.12 9.50
N LYS A 128 5.08 -10.48 9.26
CA LYS A 128 4.76 -11.64 8.43
C LYS A 128 5.20 -11.48 6.99
N THR A 129 5.01 -10.28 6.42
CA THR A 129 5.42 -10.04 5.03
C THR A 129 6.93 -10.13 4.89
N LEU A 130 7.68 -9.54 5.82
CA LEU A 130 9.13 -9.66 5.77
C LEU A 130 9.59 -11.12 5.85
N ARG A 131 9.01 -11.89 6.77
CA ARG A 131 9.35 -13.30 6.89
C ARG A 131 9.00 -14.08 5.63
N TYR A 132 7.85 -13.77 5.04
CA TYR A 132 7.50 -14.36 3.75
C TYR A 132 8.56 -14.08 2.69
N CYS A 133 8.97 -12.81 2.58
CA CYS A 133 9.91 -12.39 1.55
C CYS A 133 11.29 -12.97 1.74
N ALA A 134 11.73 -13.04 3.01
CA ALA A 134 12.99 -13.69 3.36
C ALA A 134 13.07 -15.10 2.78
N GLY A 135 11.94 -15.82 2.79
CA GLY A 135 11.91 -17.21 2.36
C GLY A 135 12.08 -17.36 0.86
N TRP A 136 11.71 -16.32 0.10
CA TRP A 136 11.90 -16.33 -1.37
C TRP A 136 13.32 -16.13 -1.83
N ALA A 137 14.21 -15.60 -0.99
CA ALA A 137 15.48 -15.08 -1.52
C ALA A 137 16.34 -16.08 -2.31
N ASP A 138 16.47 -17.28 -1.77
CA ASP A 138 17.24 -18.37 -2.39
C ASP A 138 16.38 -19.38 -3.16
N LYS A 139 15.18 -18.93 -3.53
CA LYS A 139 14.24 -19.69 -4.32
C LYS A 139 13.87 -18.92 -5.59
N ILE A 140 14.56 -17.81 -5.86
CA ILE A 140 14.45 -17.10 -7.16
C ILE A 140 15.40 -17.84 -8.12
N GLN A 141 14.82 -18.34 -9.20
CA GLN A 141 15.47 -19.26 -10.12
C GLN A 141 15.14 -18.91 -11.56
N GLY A 142 16.15 -19.08 -12.43
CA GLY A 142 15.93 -19.04 -13.86
C GLY A 142 15.66 -20.43 -14.40
N ARG A 143 15.96 -20.61 -15.68
CA ARG A 143 15.59 -21.80 -16.41
C ARG A 143 16.74 -22.32 -17.25
N THR A 144 16.69 -23.60 -17.61
CA THR A 144 17.52 -24.13 -18.67
C THR A 144 16.51 -24.51 -19.76
N ILE A 145 16.82 -24.15 -20.99
CA ILE A 145 15.84 -24.07 -22.04
C ILE A 145 16.29 -24.88 -23.26
N PRO A 146 15.43 -25.81 -23.74
CA PRO A 146 15.75 -26.67 -24.91
C PRO A 146 15.56 -25.92 -26.26
N ILE A 147 16.42 -24.92 -26.43
CA ILE A 147 16.49 -24.06 -27.63
CA ILE A 147 16.45 -24.07 -27.62
C ILE A 147 16.75 -24.91 -28.88
N ASP A 148 16.23 -24.47 -30.03
CA ASP A 148 16.61 -25.08 -31.32
C ASP A 148 18.12 -24.92 -31.56
N GLY A 149 18.72 -25.89 -32.25
CA GLY A 149 20.13 -25.86 -32.60
C GLY A 149 21.03 -26.35 -31.48
N ASN A 150 22.32 -26.44 -31.79
CA ASN A 150 23.33 -26.97 -30.86
C ASN A 150 23.87 -25.86 -29.95
N PHE A 151 23.09 -25.62 -28.90
CA PHE A 151 23.31 -24.61 -27.92
C PHE A 151 22.83 -25.06 -26.56
N PHE A 152 23.53 -24.55 -25.54
CA PHE A 152 23.10 -24.61 -24.14
C PHE A 152 22.58 -23.22 -23.79
N THR A 153 21.30 -23.12 -23.49
CA THR A 153 20.68 -21.86 -23.08
C THR A 153 20.14 -21.91 -21.65
N TYR A 154 20.53 -20.91 -20.85
CA TYR A 154 19.99 -20.74 -19.53
C TYR A 154 19.62 -19.29 -19.29
N THR A 155 18.80 -19.04 -18.25
CA THR A 155 18.45 -17.67 -17.92
C THR A 155 18.86 -17.41 -16.49
N ARG A 156 19.22 -16.16 -16.24
CA ARG A 156 19.47 -15.63 -14.89
C ARG A 156 18.36 -14.65 -14.59
N HIS A 157 17.68 -14.83 -13.48
CA HIS A 157 16.70 -13.84 -13.01
C HIS A 157 17.44 -12.93 -12.04
N GLU A 158 18.16 -11.96 -12.61
CA GLU A 158 19.01 -11.05 -11.87
C GLU A 158 18.19 -9.99 -11.13
N PRO A 159 18.76 -9.41 -10.06
CA PRO A 159 18.11 -8.15 -9.63
C PRO A 159 18.19 -7.09 -10.74
N ILE A 160 17.24 -6.17 -10.76
CA ILE A 160 17.20 -5.11 -11.75
C ILE A 160 18.33 -4.11 -11.47
N GLY A 161 18.41 -3.66 -10.22
CA GLY A 161 19.43 -2.70 -9.79
C GLY A 161 18.93 -1.75 -8.73
N VAL A 162 19.09 -0.45 -8.98
CA VAL A 162 18.67 0.57 -8.03
C VAL A 162 17.18 0.79 -8.27
N CYS A 163 16.38 0.54 -7.24
CA CYS A 163 14.94 0.70 -7.29
C CYS A 163 14.50 1.89 -6.44
N GLY A 164 13.86 2.86 -7.08
CA GLY A 164 13.21 3.98 -6.40
C GLY A 164 11.84 3.60 -5.91
N GLN A 165 11.56 3.83 -4.63
CA GLN A 165 10.34 3.32 -4.00
C GLN A 165 9.67 4.43 -3.21
N ILE A 166 8.47 4.81 -3.66
CA ILE A 166 7.71 5.94 -3.09
C ILE A 166 6.51 5.37 -2.33
N ILE A 167 6.46 5.68 -1.04
CA ILE A 167 5.57 5.06 -0.06
C ILE A 167 4.48 6.06 0.36
N PRO A 168 3.21 5.63 0.41
CA PRO A 168 2.14 6.52 0.86
C PRO A 168 2.06 6.63 2.39
N TRP A 169 1.11 7.43 2.84
CA TRP A 169 0.96 7.75 4.28
C TRP A 169 -0.05 6.87 5.02
N ASN A 170 -0.88 6.12 4.27
CA ASN A 170 -2.00 5.41 4.90
C ASN A 170 -1.59 4.13 5.67
N PHE A 171 -0.60 3.42 5.17
CA PHE A 171 -0.02 2.28 5.90
C PHE A 171 1.51 2.41 5.79
N PRO A 172 2.11 3.34 6.55
CA PRO A 172 3.55 3.59 6.30
C PRO A 172 4.47 2.39 6.45
N LEU A 173 4.35 1.65 7.56
CA LEU A 173 5.20 0.48 7.79
C LEU A 173 4.90 -0.67 6.83
N VAL A 174 3.63 -1.00 6.67
CA VAL A 174 3.24 -2.10 5.78
C VAL A 174 3.71 -1.82 4.35
N MET A 175 3.56 -0.59 3.89
CA MET A 175 3.97 -0.23 2.53
C MET A 175 5.49 -0.19 2.35
N LEU A 176 6.18 0.29 3.37
CA LEU A 176 7.66 0.22 3.38
C LEU A 176 8.13 -1.22 3.18
N ILE A 177 7.56 -2.16 3.93
CA ILE A 177 7.97 -3.57 3.88
C ILE A 177 7.50 -4.27 2.60
N TRP A 178 6.34 -3.87 2.09
CA TRP A 178 5.88 -4.40 0.78
C TRP A 178 6.80 -4.03 -0.38
N LYS A 179 7.39 -2.84 -0.30
CA LYS A 179 8.45 -2.41 -1.20
C LYS A 179 9.80 -3.09 -0.93
N ILE A 180 10.35 -2.89 0.27
CA ILE A 180 11.74 -3.30 0.47
C ILE A 180 11.92 -4.82 0.58
N GLY A 181 10.90 -5.53 1.08
CA GLY A 181 10.99 -6.98 1.26
C GLY A 181 11.31 -7.73 -0.03
N PRO A 182 10.44 -7.60 -1.05
CA PRO A 182 10.71 -8.26 -2.34
C PRO A 182 11.92 -7.71 -3.06
N ALA A 183 12.12 -6.39 -3.02
CA ALA A 183 13.22 -5.78 -3.74
C ALA A 183 14.54 -6.31 -3.18
N LEU A 184 14.65 -6.40 -1.85
CA LEU A 184 15.87 -6.93 -1.22
C LEU A 184 16.03 -8.45 -1.36
N SER A 185 14.92 -9.18 -1.28
CA SER A 185 14.94 -10.62 -1.43
C SER A 185 15.55 -11.00 -2.77
N CYS A 186 15.21 -10.23 -3.81
CA CYS A 186 15.71 -10.44 -5.19
C CYS A 186 17.09 -9.88 -5.47
N GLY A 187 17.64 -9.08 -4.55
CA GLY A 187 19.01 -8.64 -4.63
C GLY A 187 19.24 -7.23 -5.09
N ASN A 188 18.16 -6.44 -5.16
CA ASN A 188 18.22 -5.03 -5.54
C ASN A 188 18.72 -4.18 -4.40
N THR A 189 19.08 -2.95 -4.75
CA THR A 189 19.33 -1.90 -3.78
C THR A 189 18.21 -0.86 -3.93
N VAL A 190 17.89 -0.13 -2.86
CA VAL A 190 16.73 0.77 -2.88
C VAL A 190 17.00 2.16 -2.33
N VAL A 191 16.25 3.12 -2.89
CA VAL A 191 16.16 4.49 -2.42
C VAL A 191 14.67 4.69 -2.14
N VAL A 192 14.32 4.80 -0.85
CA VAL A 192 12.93 4.88 -0.40
C VAL A 192 12.59 6.31 -0.06
N LYS A 193 11.45 6.79 -0.53
CA LYS A 193 10.96 8.11 -0.15
C LYS A 193 9.67 7.91 0.59
N PRO A 194 9.71 7.92 1.94
CA PRO A 194 8.44 7.82 2.66
C PRO A 194 7.61 9.07 2.49
N ALA A 195 6.32 8.97 2.78
CA ALA A 195 5.40 10.10 2.63
C ALA A 195 5.83 11.28 3.50
N GLU A 196 5.67 12.50 2.97
CA GLU A 196 5.94 13.71 3.73
C GLU A 196 5.20 13.74 5.08
N GLN A 197 3.99 13.18 5.11
CA GLN A 197 3.18 13.15 6.35
C GLN A 197 3.73 12.15 7.38
N THR A 198 4.34 11.06 6.93
CA THR A 198 4.66 9.93 7.79
C THR A 198 6.06 9.37 7.55
N PRO A 199 7.11 10.20 7.77
CA PRO A 199 8.47 9.70 7.57
C PRO A 199 9.03 8.89 8.73
N LEU A 200 8.42 8.99 9.93
CA LEU A 200 9.08 8.59 11.18
C LEU A 200 9.33 7.08 11.34
N THR A 201 8.30 6.26 11.14
CA THR A 201 8.46 4.83 11.31
C THR A 201 9.49 4.22 10.34
N ALA A 202 9.60 4.79 9.14
CA ALA A 202 10.59 4.34 8.16
C ALA A 202 12.01 4.61 8.64
N LEU A 203 12.21 5.77 9.27
CA LEU A 203 13.53 6.14 9.77
C LEU A 203 13.94 5.25 10.95
N HIS A 204 12.99 4.83 11.79
CA HIS A 204 13.29 3.80 12.79
C HIS A 204 13.67 2.46 12.16
N VAL A 205 12.95 2.04 11.13
CA VAL A 205 13.26 0.80 10.41
C VAL A 205 14.68 0.87 9.84
N ALA A 206 15.08 2.03 9.35
CA ALA A 206 16.44 2.22 8.82
C ALA A 206 17.52 1.98 9.86
N SER A 207 17.27 2.43 11.10
CA SER A 207 18.19 2.13 12.22
C SER A 207 18.29 0.61 12.45
N LEU A 208 17.18 -0.11 12.28
CA LEU A 208 17.16 -1.59 12.38
C LEU A 208 17.79 -2.33 11.21
N ILE A 209 17.74 -1.72 10.04
CA ILE A 209 18.48 -2.21 8.87
C ILE A 209 19.99 -2.16 9.14
N LYS A 210 20.44 -1.07 9.75
CA LYS A 210 21.84 -0.97 10.19
C LYS A 210 22.19 -2.05 11.23
N GLU A 211 21.38 -2.13 12.28
CA GLU A 211 21.56 -3.13 13.34
C GLU A 211 21.59 -4.57 12.82
N ALA A 212 20.72 -4.88 11.86
CA ALA A 212 20.65 -6.22 11.26
C ALA A 212 21.91 -6.57 10.46
N GLY A 213 22.60 -5.56 9.94
CA GLY A 213 23.86 -5.77 9.23
C GLY A 213 23.77 -5.79 7.72
N PHE A 214 22.75 -5.13 7.14
CA PHE A 214 22.69 -4.97 5.68
C PHE A 214 23.89 -4.15 5.23
N PRO A 215 24.56 -4.52 4.13
CA PRO A 215 25.72 -3.74 3.73
C PRO A 215 25.30 -2.31 3.42
N PRO A 216 26.18 -1.32 3.66
CA PRO A 216 25.82 0.07 3.38
C PRO A 216 25.39 0.31 1.94
N GLY A 217 24.34 1.12 1.79
CA GLY A 217 23.88 1.53 0.47
C GLY A 217 22.81 0.63 -0.08
N VAL A 218 22.57 -0.51 0.57
CA VAL A 218 21.54 -1.45 0.09
C VAL A 218 20.14 -0.84 0.32
N VAL A 219 19.94 -0.17 1.46
CA VAL A 219 18.71 0.59 1.70
C VAL A 219 19.08 2.01 2.07
N ASN A 220 18.54 2.97 1.33
CA ASN A 220 18.72 4.39 1.60
C ASN A 220 17.33 5.02 1.71
N ILE A 221 17.10 5.81 2.74
CA ILE A 221 15.79 6.42 2.96
C ILE A 221 15.93 7.93 2.91
N VAL A 222 15.18 8.57 2.00
CA VAL A 222 15.26 10.03 1.81
C VAL A 222 13.87 10.64 2.07
N PRO A 223 13.62 11.12 3.31
CA PRO A 223 12.34 11.80 3.55
C PRO A 223 12.28 13.14 2.86
N GLY A 224 11.06 13.61 2.64
CA GLY A 224 10.79 14.90 2.00
C GLY A 224 9.45 14.90 1.28
N TYR A 225 9.26 15.90 0.43
CA TYR A 225 8.00 16.07 -0.32
C TYR A 225 7.98 15.31 -1.64
N GLY A 226 6.77 15.11 -2.17
CA GLY A 226 6.57 14.37 -3.43
C GLY A 226 7.01 15.13 -4.67
N PRO A 227 6.54 16.38 -4.83
CA PRO A 227 6.92 17.17 -6.01
C PRO A 227 8.42 17.50 -6.14
N THR A 228 9.20 17.29 -5.07
CA THR A 228 10.65 17.51 -5.09
C THR A 228 11.43 16.19 -5.10
N ALA A 229 11.41 15.45 -3.99
CA ALA A 229 12.16 14.20 -3.86
C ALA A 229 11.55 13.06 -4.68
N GLY A 230 10.22 13.03 -4.78
CA GLY A 230 9.52 12.01 -5.56
C GLY A 230 9.74 12.18 -7.05
N ALA A 231 9.73 13.45 -7.49
CA ALA A 231 9.99 13.78 -8.89
C ALA A 231 11.44 13.49 -9.26
N ALA A 232 12.35 13.77 -8.34
CA ALA A 232 13.78 13.47 -8.52
C ALA A 232 13.98 11.99 -8.76
N ILE A 233 13.34 11.17 -7.94
CA ILE A 233 13.35 9.69 -8.12
C ILE A 233 12.79 9.25 -9.48
N SER A 234 11.62 9.76 -9.85
CA SER A 234 10.93 9.29 -11.06
C SER A 234 11.63 9.68 -12.38
N SER A 235 12.40 10.77 -12.35
CA SER A 235 13.12 11.28 -13.52
C SER A 235 14.62 11.00 -13.51
N HIS A 236 15.13 10.34 -12.46
CA HIS A 236 16.57 10.07 -12.33
C HIS A 236 17.10 9.15 -13.45
N MET A 237 18.24 9.52 -14.04
CA MET A 237 18.80 8.78 -15.20
C MET A 237 19.57 7.50 -14.87
N ASP A 238 19.79 7.26 -13.58
CA ASP A 238 20.47 6.07 -13.08
C ASP A 238 19.66 5.27 -12.04
N ILE A 239 18.34 5.50 -11.99
CA ILE A 239 17.44 4.63 -11.25
C ILE A 239 16.87 3.65 -12.30
N ASP A 240 16.94 2.36 -12.01
CA ASP A 240 16.53 1.33 -12.98
C ASP A 240 15.03 1.08 -12.95
N LYS A 241 14.42 1.24 -11.77
CA LYS A 241 13.00 0.97 -11.59
C LYS A 241 12.38 1.87 -10.53
N VAL A 242 11.15 2.34 -10.77
CA VAL A 242 10.37 3.07 -9.76
C VAL A 242 9.13 2.24 -9.37
N ALA A 243 8.89 2.10 -8.06
CA ALA A 243 7.66 1.52 -7.54
C ALA A 243 6.94 2.58 -6.72
N PHE A 244 5.66 2.79 -7.00
CA PHE A 244 4.90 3.88 -6.41
C PHE A 244 3.54 3.36 -5.94
N THR A 245 3.16 3.70 -4.71
CA THR A 245 1.81 3.49 -4.24
C THR A 245 1.23 4.84 -3.87
N GLY A 246 0.06 5.15 -4.43
CA GLY A 246 -0.61 6.41 -4.14
C GLY A 246 -1.79 6.68 -5.06
N SER A 247 -2.08 7.96 -5.28
CA SER A 247 -3.19 8.35 -6.15
C SER A 247 -2.90 7.95 -7.61
N THR A 248 -3.97 7.64 -8.34
CA THR A 248 -3.92 7.45 -9.79
C THR A 248 -3.42 8.68 -10.54
N GLU A 249 -3.74 9.88 -10.07
CA GLU A 249 -3.26 11.12 -10.68
C GLU A 249 -1.72 11.21 -10.71
N VAL A 250 -1.11 10.93 -9.57
CA VAL A 250 0.35 11.01 -9.43
C VAL A 250 1.00 9.84 -10.17
N GLY A 251 0.36 8.67 -10.12
CA GLY A 251 0.77 7.52 -10.92
C GLY A 251 1.00 7.80 -12.39
N LYS A 252 0.14 8.62 -12.98
CA LYS A 252 0.27 9.03 -14.38
C LYS A 252 1.50 9.92 -14.61
N LEU A 253 1.79 10.79 -13.65
CA LEU A 253 2.99 11.62 -13.68
C LEU A 253 4.26 10.77 -13.57
N ILE A 254 4.23 9.76 -12.70
CA ILE A 254 5.37 8.84 -12.50
C ILE A 254 5.71 8.12 -13.80
N LYS A 255 4.70 7.49 -14.40
CA LYS A 255 4.86 6.73 -15.64
C LYS A 255 5.32 7.62 -16.79
N GLU A 256 4.74 8.81 -16.88
CA GLU A 256 5.16 9.79 -17.87
C GLU A 256 6.65 10.14 -17.72
N ALA A 257 7.06 10.47 -16.50
CA ALA A 257 8.45 10.87 -16.20
C ALA A 257 9.46 9.74 -16.46
N ALA A 258 9.06 8.51 -16.13
CA ALA A 258 9.86 7.31 -16.46
C ALA A 258 10.12 7.23 -17.97
N GLY A 259 9.08 7.47 -18.76
CA GLY A 259 9.19 7.50 -20.23
C GLY A 259 10.11 8.58 -20.75
N LYS A 260 9.94 9.81 -20.24
CA LYS A 260 10.78 10.96 -20.61
C LYS A 260 12.26 10.80 -20.31
N SER A 261 12.58 10.17 -19.18
CA SER A 261 13.94 10.13 -18.65
C SER A 261 14.77 8.99 -19.25
N ASN A 262 14.70 7.80 -18.66
CA ASN A 262 15.58 6.66 -19.00
C ASN A 262 14.82 5.34 -19.19
N LEU A 263 13.53 5.43 -19.49
CA LEU A 263 12.67 4.25 -19.61
C LEU A 263 12.78 3.28 -18.43
N LYS A 264 12.92 3.83 -17.21
CA LYS A 264 12.99 2.99 -16.01
C LYS A 264 11.72 2.16 -15.89
N ARG A 265 11.87 0.96 -15.34
CA ARG A 265 10.72 0.06 -15.17
C ARG A 265 9.77 0.66 -14.13
N VAL A 266 8.47 0.39 -14.30
CA VAL A 266 7.46 1.01 -13.46
C VAL A 266 6.52 -0.06 -12.90
N THR A 267 6.25 -0.02 -11.59
CA THR A 267 5.04 -0.64 -11.03
C THR A 267 4.29 0.40 -10.23
N LEU A 268 2.97 0.36 -10.33
CA LEU A 268 2.08 1.33 -9.69
C LEU A 268 0.98 0.58 -8.95
N GLU A 269 0.75 0.95 -7.70
CA GLU A 269 -0.37 0.48 -6.89
C GLU A 269 -1.19 1.72 -6.57
N LEU A 270 -2.33 1.87 -7.20
CA LEU A 270 -3.01 3.16 -7.20
C LEU A 270 -4.35 3.04 -6.50
N GLY A 271 -5.19 4.06 -6.60
CA GLY A 271 -6.49 4.08 -5.96
C GLY A 271 -7.53 3.20 -6.61
N GLY A 272 -8.74 3.28 -6.07
CA GLY A 272 -9.86 2.57 -6.63
C GLY A 272 -11.19 3.23 -6.36
N LYS A 273 -12.22 2.66 -6.98
CA LYS A 273 -13.59 2.89 -6.62
C LYS A 273 -14.24 1.50 -6.60
N SER A 274 -13.82 0.71 -5.63
CA SER A 274 -14.06 -0.73 -5.64
C SER A 274 -15.50 -1.11 -5.31
N PRO A 275 -16.13 -1.95 -6.15
CA PRO A 275 -17.53 -2.29 -5.96
C PRO A 275 -17.72 -3.61 -5.22
N CYS A 276 -18.82 -3.71 -4.47
CA CYS A 276 -19.34 -4.96 -3.97
C CYS A 276 -20.68 -5.24 -4.61
N ILE A 277 -20.95 -6.52 -4.91
CA ILE A 277 -22.24 -6.97 -5.44
C ILE A 277 -22.81 -7.95 -4.43
N VAL A 278 -23.93 -7.56 -3.81
CA VAL A 278 -24.58 -8.36 -2.78
C VAL A 278 -25.87 -8.95 -3.35
N LEU A 279 -25.87 -10.27 -3.60
CA LEU A 279 -27.02 -10.95 -4.18
CA LEU A 279 -27.03 -10.95 -4.18
C LEU A 279 -28.05 -11.24 -3.09
N ALA A 280 -29.30 -11.42 -3.51
CA ALA A 280 -30.44 -11.68 -2.61
C ALA A 280 -30.25 -12.90 -1.69
N ASP A 281 -29.48 -13.89 -2.14
CA ASP A 281 -29.26 -15.12 -1.40
C ASP A 281 -28.11 -15.05 -0.40
N ALA A 282 -27.43 -13.90 -0.33
CA ALA A 282 -26.24 -13.74 0.51
C ALA A 282 -26.58 -13.85 1.99
N ASP A 283 -25.60 -14.29 2.76
CA ASP A 283 -25.68 -14.20 4.22
C ASP A 283 -25.69 -12.70 4.49
N LEU A 284 -26.83 -12.18 4.93
CA LEU A 284 -27.03 -10.73 4.97
C LEU A 284 -26.11 -10.03 5.98
N ASP A 285 -26.09 -10.55 7.20
CA ASP A 285 -25.22 -10.01 8.25
C ASP A 285 -23.72 -10.06 7.90
N ASN A 286 -23.28 -11.17 7.30
CA ASN A 286 -21.89 -11.28 6.86
C ASN A 286 -21.57 -10.24 5.78
N ALA A 287 -22.47 -10.07 4.82
CA ALA A 287 -22.30 -9.07 3.78
C ALA A 287 -22.29 -7.65 4.34
N VAL A 288 -23.17 -7.36 5.30
CA VAL A 288 -23.22 -6.04 5.93
C VAL A 288 -21.91 -5.76 6.69
N GLU A 289 -21.42 -6.75 7.43
CA GLU A 289 -20.25 -6.56 8.29
C GLU A 289 -18.98 -6.35 7.44
N PHE A 290 -18.78 -7.18 6.42
CA PHE A 290 -17.60 -7.05 5.56
C PHE A 290 -17.65 -5.82 4.64
N ALA A 291 -18.81 -5.54 4.04
CA ALA A 291 -18.98 -4.30 3.27
C ALA A 291 -18.76 -3.05 4.13
N HIS A 292 -19.27 -3.09 5.37
CA HIS A 292 -19.00 -2.03 6.33
C HIS A 292 -17.51 -1.80 6.57
N HIS A 293 -16.82 -2.84 7.04
CA HIS A 293 -15.39 -2.73 7.30
C HIS A 293 -14.61 -2.49 5.99
N GLY A 294 -15.15 -2.99 4.88
CA GLY A 294 -14.57 -2.81 3.57
C GLY A 294 -14.44 -1.35 3.14
N VAL A 295 -15.41 -0.52 3.54
CA VAL A 295 -15.40 0.93 3.26
C VAL A 295 -14.83 1.78 4.42
N PHE A 296 -15.07 1.38 5.67
CA PHE A 296 -14.73 2.23 6.84
C PHE A 296 -13.35 1.99 7.46
N TYR A 297 -12.66 0.93 7.08
CA TYR A 297 -11.36 0.63 7.69
C TYR A 297 -10.35 1.79 7.54
N HIS A 298 -9.59 2.02 8.63
CA HIS A 298 -8.63 3.10 8.71
C HIS A 298 -9.16 4.46 8.19
N GLN A 299 -10.36 4.82 8.68
CA GLN A 299 -11.02 6.07 8.33
C GLN A 299 -11.24 6.22 6.81
N GLY A 300 -11.52 5.10 6.15
CA GLY A 300 -11.72 5.07 4.70
C GLY A 300 -10.49 5.28 3.85
N GLN A 301 -9.31 5.26 4.47
CA GLN A 301 -8.07 5.64 3.78
C GLN A 301 -7.37 4.40 3.24
N CYS A 302 -8.13 3.52 2.57
CA CYS A 302 -7.59 2.35 1.93
C CYS A 302 -7.85 2.44 0.46
N CYS A 303 -6.83 2.13 -0.35
CA CYS A 303 -6.97 2.08 -1.80
C CYS A 303 -8.11 1.11 -2.23
N ILE A 304 -8.29 0.03 -1.48
CA ILE A 304 -9.38 -0.96 -1.73
C ILE A 304 -10.75 -0.59 -1.18
N ALA A 305 -10.92 0.59 -0.59
CA ALA A 305 -12.22 0.98 -0.03
C ALA A 305 -13.41 0.51 -0.89
N ALA A 306 -14.28 -0.32 -0.31
CA ALA A 306 -15.51 -0.81 -0.97
C ALA A 306 -16.53 0.32 -1.07
N SER A 307 -16.23 1.25 -1.97
CA SER A 307 -16.92 2.54 -2.03
C SER A 307 -18.16 2.57 -2.94
N ARG A 308 -18.53 1.42 -3.51
CA ARG A 308 -19.85 1.28 -4.16
C ARG A 308 -20.39 -0.09 -3.80
N ILE A 309 -21.47 -0.13 -3.03
CA ILE A 309 -22.08 -1.38 -2.59
C ILE A 309 -23.42 -1.52 -3.29
N PHE A 310 -23.47 -2.43 -4.26
CA PHE A 310 -24.68 -2.72 -5.03
C PHE A 310 -25.45 -3.87 -4.35
N VAL A 311 -26.68 -3.62 -3.93
CA VAL A 311 -27.45 -4.66 -3.25
C VAL A 311 -28.74 -4.92 -4.01
N GLU A 312 -29.08 -6.20 -4.16
CA GLU A 312 -30.28 -6.59 -4.89
C GLU A 312 -31.49 -5.96 -4.19
N GLU A 313 -32.43 -5.47 -4.99
CA GLU A 313 -33.61 -4.71 -4.51
C GLU A 313 -34.34 -5.31 -3.31
N SER A 314 -34.61 -6.60 -3.34
CA SER A 314 -35.44 -7.26 -2.32
C SER A 314 -34.81 -7.30 -0.92
N ILE A 315 -33.48 -7.16 -0.82
CA ILE A 315 -32.77 -7.08 0.47
C ILE A 315 -32.10 -5.71 0.73
N TYR A 316 -32.27 -4.77 -0.20
CA TYR A 316 -31.68 -3.43 -0.15
C TYR A 316 -32.04 -2.61 1.08
N ASP A 317 -33.33 -2.52 1.39
CA ASP A 317 -33.79 -1.73 2.54
C ASP A 317 -33.20 -2.26 3.85
N GLU A 318 -33.31 -3.57 4.04
CA GLU A 318 -32.74 -4.25 5.21
C GLU A 318 -31.21 -4.14 5.26
N PHE A 319 -30.55 -4.15 4.11
CA PHE A 319 -29.10 -3.92 4.05
C PHE A 319 -28.72 -2.51 4.51
N VAL A 320 -29.51 -1.51 4.08
CA VAL A 320 -29.24 -0.11 4.42
C VAL A 320 -29.47 0.08 5.92
N ARG A 321 -30.62 -0.35 6.41
CA ARG A 321 -30.94 -0.29 7.84
C ARG A 321 -29.82 -0.85 8.73
N ARG A 322 -29.42 -2.09 8.46
CA ARG A 322 -28.37 -2.77 9.24
C ARG A 322 -27.02 -2.08 9.11
N SER A 323 -26.69 -1.63 7.89
CA SER A 323 -25.46 -0.87 7.64
C SER A 323 -25.42 0.40 8.49
N VAL A 324 -26.48 1.20 8.41
CA VAL A 324 -26.54 2.48 9.13
C VAL A 324 -26.34 2.30 10.63
N GLU A 325 -26.96 1.28 11.23
CA GLU A 325 -26.84 1.06 12.68
C GLU A 325 -25.43 0.59 13.07
N ARG A 326 -24.78 -0.15 12.19
CA ARG A 326 -23.37 -0.48 12.39
C ARG A 326 -22.49 0.78 12.36
N ALA A 327 -22.78 1.69 11.43
CA ALA A 327 -22.02 2.96 11.29
C ALA A 327 -22.22 3.92 12.48
N LYS A 328 -23.37 3.85 13.12
CA LYS A 328 -23.68 4.71 14.29
C LYS A 328 -23.00 4.24 15.60
N LYS A 329 -22.30 3.11 15.57
CA LYS A 329 -21.64 2.56 16.77
C LYS A 329 -20.23 3.09 17.10
N TYR A 330 -19.68 3.99 16.28
CA TYR A 330 -18.29 4.43 16.47
C TYR A 330 -18.04 5.44 17.57
N ILE A 331 -16.83 5.37 18.11
CA ILE A 331 -16.35 6.28 19.13
C ILE A 331 -15.12 7.00 18.56
N LEU A 332 -15.27 8.30 18.29
CA LEU A 332 -14.19 9.08 17.69
C LEU A 332 -13.26 9.64 18.76
N GLY A 333 -12.00 9.84 18.39
CA GLY A 333 -11.02 10.46 19.27
C GLY A 333 -9.56 10.11 18.99
N ASN A 334 -8.74 10.28 20.03
CA ASN A 334 -7.32 10.00 19.94
C ASN A 334 -7.10 8.49 19.74
N PRO A 335 -6.45 8.09 18.62
CA PRO A 335 -6.29 6.65 18.38
C PRO A 335 -5.45 5.88 19.43
N LEU A 336 -4.69 6.60 20.25
CA LEU A 336 -3.94 6.02 21.36
C LEU A 336 -4.76 5.64 22.60
N THR A 337 -5.96 6.22 22.74
CA THR A 337 -6.82 5.99 23.92
C THR A 337 -7.62 4.70 23.72
N PRO A 338 -7.57 3.76 24.70
CA PRO A 338 -8.34 2.51 24.50
C PRO A 338 -9.86 2.75 24.47
N GLY A 339 -10.58 1.93 23.73
CA GLY A 339 -12.02 2.16 23.51
C GLY A 339 -12.35 3.02 22.29
N VAL A 340 -11.45 3.94 21.92
CA VAL A 340 -11.61 4.73 20.69
C VAL A 340 -11.60 3.80 19.48
N THR A 341 -12.59 3.99 18.59
CA THR A 341 -12.75 3.14 17.41
C THR A 341 -12.70 3.87 16.04
N GLN A 342 -12.43 5.18 16.05
CA GLN A 342 -12.20 5.95 14.81
C GLN A 342 -11.29 7.14 15.09
N GLY A 343 -10.14 7.16 14.42
CA GLY A 343 -9.20 8.27 14.47
C GLY A 343 -9.48 9.32 13.41
N PRO A 344 -8.53 10.25 13.21
CA PRO A 344 -8.67 11.34 12.25
C PRO A 344 -8.26 10.96 10.83
N GLN A 345 -8.61 11.81 9.87
CA GLN A 345 -8.01 11.79 8.54
C GLN A 345 -6.58 12.28 8.66
N ILE A 346 -5.76 11.99 7.63
CA ILE A 346 -4.32 12.28 7.73
C ILE A 346 -3.96 13.77 7.80
N ASP A 347 -4.63 14.62 7.01
CA ASP A 347 -4.24 16.02 6.90
C ASP A 347 -5.37 16.87 6.31
N LYS A 348 -5.09 18.16 6.20
CA LYS A 348 -6.04 19.13 5.67
C LYS A 348 -6.46 18.87 4.24
N GLU A 349 -5.48 18.59 3.36
CA GLU A 349 -5.74 18.40 1.93
C GLU A 349 -6.80 17.32 1.76
N GLN A 350 -6.55 16.16 2.37
CA GLN A 350 -7.49 15.05 2.39
C GLN A 350 -8.85 15.37 3.04
N TYR A 351 -8.78 16.02 4.20
CA TYR A 351 -9.96 16.44 4.98
C TYR A 351 -10.91 17.29 4.13
N ASP A 352 -10.36 18.25 3.40
CA ASP A 352 -11.15 19.14 2.52
C ASP A 352 -11.83 18.36 1.39
N LYS A 353 -11.06 17.54 0.68
CA LYS A 353 -11.58 16.72 -0.44
C LYS A 353 -12.74 15.85 0.02
N ILE A 354 -12.62 15.28 1.21
CA ILE A 354 -13.66 14.44 1.82
C ILE A 354 -14.94 15.23 2.07
N LEU A 355 -14.81 16.35 2.77
CA LEU A 355 -15.96 17.20 3.05
C LEU A 355 -16.58 17.78 1.78
N ASP A 356 -15.73 18.20 0.84
CA ASP A 356 -16.19 18.67 -0.47
C ASP A 356 -17.01 17.61 -1.20
N LEU A 357 -16.55 16.36 -1.18
CA LEU A 357 -17.29 15.25 -1.79
C LEU A 357 -18.58 14.89 -1.04
N ILE A 358 -18.56 14.97 0.29
CA ILE A 358 -19.80 14.82 1.09
C ILE A 358 -20.87 15.85 0.69
N GLU A 359 -20.44 17.07 0.39
CA GLU A 359 -21.35 18.12 -0.06
C GLU A 359 -21.99 17.86 -1.43
N SER A 360 -21.25 17.22 -2.32
CA SER A 360 -21.77 16.81 -3.62
C SER A 360 -22.87 15.76 -3.46
N GLY A 361 -22.64 14.78 -2.60
CA GLY A 361 -23.66 13.76 -2.27
C GLY A 361 -24.98 14.40 -1.89
N LYS A 362 -24.91 15.37 -0.99
CA LYS A 362 -26.09 16.11 -0.55
C LYS A 362 -26.74 16.91 -1.69
N LYS A 363 -25.93 17.70 -2.39
CA LYS A 363 -26.41 18.58 -3.46
C LYS A 363 -26.93 17.82 -4.69
N GLU A 364 -26.27 16.70 -5.03
CA GLU A 364 -26.68 15.86 -6.15
C GLU A 364 -27.82 14.88 -5.80
N GLY A 365 -28.24 14.87 -4.54
CA GLY A 365 -29.49 14.22 -4.14
C GLY A 365 -29.41 12.82 -3.56
N ALA A 366 -28.25 12.42 -3.02
CA ALA A 366 -28.15 11.15 -2.28
C ALA A 366 -28.89 11.28 -0.93
N LYS A 367 -29.38 10.17 -0.41
CA LYS A 367 -30.05 10.16 0.90
C LYS A 367 -29.01 9.99 2.02
N LEU A 368 -28.81 11.06 2.79
CA LEU A 368 -27.91 11.03 3.94
C LEU A 368 -28.54 10.24 5.08
N GLU A 369 -27.97 9.09 5.41
CA GLU A 369 -28.51 8.24 6.47
C GLU A 369 -27.93 8.56 7.85
N CYS A 370 -26.66 8.93 7.89
CA CYS A 370 -26.01 9.43 9.11
C CYS A 370 -24.75 10.17 8.73
N GLY A 371 -24.21 10.93 9.68
CA GLY A 371 -22.95 11.66 9.48
C GLY A 371 -23.10 12.85 8.57
N GLY A 372 -22.09 13.10 7.74
CA GLY A 372 -22.14 14.16 6.74
C GLY A 372 -21.54 15.51 7.15
N GLY A 373 -20.77 15.52 8.23
CA GLY A 373 -20.03 16.72 8.66
C GLY A 373 -18.78 16.38 9.46
N PRO A 374 -18.06 17.41 9.94
CA PRO A 374 -16.86 17.22 10.77
C PRO A 374 -17.18 16.86 12.22
N TRP A 375 -16.13 16.58 13.00
CA TRP A 375 -16.25 16.27 14.44
C TRP A 375 -15.06 16.85 15.21
N GLY A 376 -15.34 17.42 16.39
CA GLY A 376 -14.30 17.83 17.35
C GLY A 376 -13.77 19.26 17.20
N ASN A 377 -12.97 19.69 18.18
CA ASN A 377 -12.30 21.00 18.16
C ASN A 377 -10.90 20.97 17.53
N LYS A 378 -10.23 19.81 17.65
CA LYS A 378 -8.97 19.58 16.96
C LYS A 378 -8.99 18.25 16.24
N GLY A 379 -8.05 18.10 15.31
CA GLY A 379 -7.87 16.89 14.55
C GLY A 379 -8.73 16.84 13.30
N TYR A 380 -8.25 16.17 12.25
CA TYR A 380 -8.94 16.16 10.96
C TYR A 380 -10.05 15.11 10.94
N PHE A 381 -11.01 15.23 11.87
CA PHE A 381 -12.04 14.20 12.08
C PHE A 381 -13.27 14.46 11.20
N VAL A 382 -13.76 13.38 10.58
CA VAL A 382 -14.99 13.40 9.79
C VAL A 382 -15.95 12.37 10.38
N GLN A 383 -17.20 12.77 10.61
CA GLN A 383 -18.23 11.85 11.08
C GLN A 383 -18.37 10.69 10.07
N PRO A 384 -18.55 9.44 10.56
CA PRO A 384 -18.81 8.34 9.61
C PRO A 384 -20.13 8.57 8.88
N THR A 385 -20.09 8.47 7.56
CA THR A 385 -21.20 8.91 6.73
C THR A 385 -21.69 7.77 5.84
N VAL A 386 -23.01 7.63 5.76
CA VAL A 386 -23.66 6.63 4.90
C VAL A 386 -24.64 7.36 3.98
N PHE A 387 -24.50 7.14 2.68
CA PHE A 387 -25.47 7.58 1.68
C PHE A 387 -26.15 6.35 1.10
N SER A 388 -27.48 6.41 1.05
CA SER A 388 -28.25 5.41 0.30
C SER A 388 -28.91 6.09 -0.90
N ASN A 389 -29.47 5.28 -1.79
CA ASN A 389 -30.04 5.73 -3.06
C ASN A 389 -29.03 6.53 -3.88
N VAL A 390 -27.79 6.04 -3.90
CA VAL A 390 -26.71 6.65 -4.67
C VAL A 390 -26.90 6.21 -6.13
N THR A 391 -26.65 7.11 -7.07
CA THR A 391 -26.69 6.78 -8.50
C THR A 391 -25.33 6.99 -9.14
N ASP A 392 -25.18 6.41 -10.32
CA ASP A 392 -23.86 6.20 -10.93
C ASP A 392 -23.14 7.47 -11.35
N GLU A 393 -23.87 8.48 -11.81
CA GLU A 393 -23.23 9.72 -12.25
C GLU A 393 -22.95 10.72 -11.13
N MET A 394 -23.30 10.37 -9.88
CA MET A 394 -22.94 11.21 -8.74
C MET A 394 -21.43 11.20 -8.55
N ARG A 395 -20.92 12.31 -8.01
CA ARG A 395 -19.50 12.43 -7.71
C ARG A 395 -19.04 11.39 -6.71
N ILE A 396 -19.85 11.17 -5.67
CA ILE A 396 -19.56 10.16 -4.65
C ILE A 396 -19.54 8.69 -5.15
N ALA A 397 -20.10 8.43 -6.32
CA ALA A 397 -20.04 7.10 -6.96
C ALA A 397 -18.93 7.01 -8.03
N LYS A 398 -18.35 8.13 -8.44
CA LYS A 398 -17.27 8.13 -9.42
C LYS A 398 -15.89 8.39 -8.82
N GLU A 399 -15.79 9.33 -7.89
CA GLU A 399 -14.49 9.77 -7.36
C GLU A 399 -14.10 9.07 -6.07
N GLU A 400 -12.83 8.69 -5.97
CA GLU A 400 -12.29 8.11 -4.74
C GLU A 400 -12.34 9.18 -3.63
N ILE A 401 -13.06 8.87 -2.56
CA ILE A 401 -13.25 9.81 -1.45
C ILE A 401 -12.08 9.75 -0.47
N PHE A 402 -11.64 8.52 -0.20
CA PHE A 402 -10.55 8.25 0.75
C PHE A 402 -10.91 8.71 2.17
N GLY A 403 -12.19 8.59 2.51
CA GLY A 403 -12.72 9.03 3.80
C GLY A 403 -13.82 8.09 4.28
N PRO A 404 -14.32 8.31 5.50
CA PRO A 404 -15.31 7.39 6.06
C PRO A 404 -16.70 7.70 5.51
N VAL A 405 -16.92 7.32 4.24
CA VAL A 405 -18.14 7.66 3.51
C VAL A 405 -18.58 6.45 2.66
N GLN A 406 -19.70 5.83 3.06
CA GLN A 406 -20.24 4.63 2.41
C GLN A 406 -21.33 5.02 1.40
N GLN A 407 -21.25 4.43 0.21
CA GLN A 407 -22.30 4.57 -0.83
C GLN A 407 -23.01 3.23 -0.98
N ILE A 408 -24.34 3.24 -0.89
CA ILE A 408 -25.15 2.02 -1.06
C ILE A 408 -26.17 2.21 -2.20
N MET A 409 -26.05 1.33 -3.21
CA MET A 409 -26.86 1.37 -4.44
C MET A 409 -27.77 0.16 -4.52
N LYS A 410 -28.85 0.28 -5.29
CA LYS A 410 -29.76 -0.86 -5.52
C LYS A 410 -29.57 -1.36 -6.95
N PHE A 411 -29.81 -2.65 -7.15
CA PHE A 411 -29.89 -3.23 -8.50
C PHE A 411 -30.94 -4.31 -8.50
N LYS A 412 -31.41 -4.65 -9.70
CA LYS A 412 -32.29 -5.80 -9.90
C LYS A 412 -31.81 -6.77 -10.98
N SER A 413 -30.99 -6.31 -11.94
CA SER A 413 -30.42 -7.15 -12.99
C SER A 413 -28.94 -7.41 -12.77
N LEU A 414 -28.57 -8.69 -12.73
CA LEU A 414 -27.18 -9.09 -12.58
C LEU A 414 -26.29 -8.64 -13.74
N ASP A 415 -26.76 -8.79 -14.98
CA ASP A 415 -25.96 -8.36 -16.15
C ASP A 415 -25.59 -6.89 -16.06
N ASP A 416 -26.59 -6.08 -15.71
CA ASP A 416 -26.46 -4.64 -15.63
C ASP A 416 -25.55 -4.19 -14.48
N VAL A 417 -25.67 -4.82 -13.32
CA VAL A 417 -24.87 -4.44 -12.15
C VAL A 417 -23.37 -4.80 -12.33
N ILE A 418 -23.09 -5.83 -13.11
CA ILE A 418 -21.72 -6.17 -13.50
C ILE A 418 -21.14 -5.10 -14.43
N LYS A 419 -21.93 -4.63 -15.41
CA LYS A 419 -21.50 -3.51 -16.27
C LYS A 419 -21.26 -2.27 -15.44
N ARG A 420 -22.14 -2.00 -14.49
CA ARG A 420 -22.03 -0.83 -13.62
C ARG A 420 -20.80 -0.96 -12.73
N ALA A 421 -20.57 -2.14 -12.18
CA ALA A 421 -19.36 -2.41 -11.36
C ALA A 421 -18.10 -2.17 -12.18
N ASN A 422 -18.10 -2.65 -13.43
CA ASN A 422 -16.95 -2.50 -14.33
C ASN A 422 -16.86 -1.12 -15.01
N ASN A 423 -17.90 -0.30 -14.87
CA ASN A 423 -17.95 0.99 -15.55
C ASN A 423 -17.20 2.07 -14.76
N THR A 424 -15.88 1.98 -14.83
CA THR A 424 -14.97 2.85 -14.11
C THR A 424 -13.58 2.66 -14.73
N PHE A 425 -12.73 3.68 -14.65
CA PHE A 425 -11.33 3.54 -15.05
C PHE A 425 -10.52 2.79 -13.98
N TYR A 426 -11.06 2.69 -12.77
CA TYR A 426 -10.42 1.96 -11.68
C TYR A 426 -10.63 0.45 -11.82
N GLY A 427 -9.98 -0.30 -10.95
CA GLY A 427 -10.12 -1.75 -10.95
C GLY A 427 -9.21 -2.45 -9.96
N LEU A 428 -9.14 -1.93 -8.74
CA LEU A 428 -8.22 -2.50 -7.75
C LEU A 428 -8.75 -3.79 -7.14
N SER A 429 -10.01 -3.76 -6.72
CA SER A 429 -10.61 -4.89 -6.05
C SER A 429 -12.11 -4.88 -6.16
N ALA A 430 -12.74 -5.96 -5.71
CA ALA A 430 -14.19 -6.05 -5.65
C ALA A 430 -14.63 -7.19 -4.72
N GLY A 431 -15.91 -7.17 -4.35
CA GLY A 431 -16.53 -8.15 -3.45
C GLY A 431 -17.80 -8.74 -4.07
N VAL A 432 -18.02 -10.03 -3.86
CA VAL A 432 -19.19 -10.75 -4.33
C VAL A 432 -19.72 -11.52 -3.14
N PHE A 433 -20.98 -11.28 -2.79
CA PHE A 433 -21.62 -11.97 -1.67
C PHE A 433 -22.82 -12.76 -2.17
N THR A 434 -22.72 -14.09 -2.06
CA THR A 434 -23.75 -15.02 -2.51
C THR A 434 -23.44 -16.41 -1.93
N LYS A 435 -24.45 -17.26 -1.86
CA LYS A 435 -24.30 -18.67 -1.45
C LYS A 435 -24.17 -19.62 -2.63
N ASP A 436 -24.35 -19.11 -3.86
CA ASP A 436 -24.43 -19.93 -5.05
C ASP A 436 -23.06 -20.09 -5.72
N ILE A 437 -22.66 -21.34 -5.91
CA ILE A 437 -21.36 -21.71 -6.45
C ILE A 437 -21.15 -21.08 -7.81
N ASP A 438 -22.14 -21.23 -8.69
CA ASP A 438 -21.97 -20.73 -10.06
C ASP A 438 -21.88 -19.20 -10.10
N LYS A 439 -22.72 -18.52 -9.32
CA LYS A 439 -22.70 -17.05 -9.26
C LYS A 439 -21.31 -16.58 -8.79
N ALA A 440 -20.79 -17.20 -7.73
CA ALA A 440 -19.49 -16.82 -7.17
C ALA A 440 -18.35 -16.90 -8.18
N ILE A 441 -18.32 -17.97 -8.94
CA ILE A 441 -17.27 -18.17 -9.93
C ILE A 441 -17.49 -17.24 -11.13
N THR A 442 -18.70 -17.24 -11.70
CA THR A 442 -18.92 -16.45 -12.93
C THR A 442 -18.81 -14.95 -12.71
N ILE A 443 -19.30 -14.45 -11.56
CA ILE A 443 -19.23 -13.02 -11.31
C ILE A 443 -17.80 -12.58 -11.04
N SER A 444 -17.07 -13.38 -10.28
CA SER A 444 -15.69 -13.00 -9.96
C SER A 444 -14.81 -13.05 -11.22
N SER A 445 -15.10 -13.97 -12.15
CA SER A 445 -14.41 -14.00 -13.45
C SER A 445 -14.70 -12.76 -14.30
N ALA A 446 -15.96 -12.29 -14.25
CA ALA A 446 -16.41 -11.16 -15.07
C ALA A 446 -16.02 -9.78 -14.54
N LEU A 447 -15.72 -9.68 -13.24
CA LEU A 447 -15.32 -8.40 -12.67
C LEU A 447 -13.91 -8.01 -13.10
N GLN A 448 -13.76 -6.76 -13.53
CA GLN A 448 -12.48 -6.26 -13.97
C GLN A 448 -11.73 -5.65 -12.77
N ALA A 449 -11.27 -6.54 -11.91
CA ALA A 449 -10.68 -6.16 -10.61
C ALA A 449 -9.56 -7.13 -10.26
N GLY A 450 -8.52 -6.60 -9.64
CA GLY A 450 -7.30 -7.34 -9.36
C GLY A 450 -7.46 -8.38 -8.28
N THR A 451 -8.16 -8.01 -7.21
CA THR A 451 -8.59 -8.96 -6.18
C THR A 451 -10.10 -9.00 -6.10
N VAL A 452 -10.66 -10.18 -6.16
CA VAL A 452 -12.10 -10.36 -5.97
C VAL A 452 -12.29 -11.23 -4.72
N TRP A 453 -12.90 -10.65 -3.68
CA TRP A 453 -13.25 -11.38 -2.47
C TRP A 453 -14.66 -11.94 -2.60
N VAL A 454 -14.86 -13.18 -2.15
CA VAL A 454 -16.15 -13.86 -2.17
C VAL A 454 -16.57 -14.12 -0.71
N ASN A 455 -17.70 -13.53 -0.32
CA ASN A 455 -18.24 -13.58 1.04
C ASN A 455 -17.27 -13.07 2.12
N CYS A 456 -16.44 -12.12 1.71
CA CYS A 456 -15.51 -11.42 2.59
C CYS A 456 -15.02 -10.17 1.89
N TYR A 457 -14.15 -9.41 2.53
CA TYR A 457 -13.58 -8.20 1.96
C TYR A 457 -12.35 -7.81 2.75
N GLY A 458 -11.38 -7.22 2.05
CA GLY A 458 -10.16 -6.72 2.68
C GLY A 458 -9.28 -7.79 3.31
N VAL A 459 -9.29 -9.00 2.75
CA VAL A 459 -8.40 -10.08 3.18
C VAL A 459 -7.12 -10.07 2.34
N VAL A 460 -6.06 -9.53 2.94
CA VAL A 460 -4.77 -9.34 2.30
C VAL A 460 -3.77 -10.21 3.04
N SER A 461 -2.88 -10.84 2.29
CA SER A 461 -1.88 -11.73 2.86
C SER A 461 -0.65 -11.79 1.94
N ALA A 462 0.52 -12.02 2.54
CA ALA A 462 1.79 -12.01 1.85
C ALA A 462 1.88 -13.05 0.70
N GLN A 463 1.12 -14.13 0.80
CA GLN A 463 1.23 -15.27 -0.11
C GLN A 463 0.57 -15.04 -1.43
N CYS A 464 -0.28 -14.02 -1.53
CA CYS A 464 -0.96 -13.81 -2.80
C CYS A 464 -0.68 -12.46 -3.41
N PRO A 465 -0.68 -12.41 -4.74
CA PRO A 465 -0.34 -11.20 -5.43
C PRO A 465 -1.48 -10.19 -5.28
N PHE A 466 -1.11 -8.92 -5.34
CA PHE A 466 -2.04 -7.83 -5.10
C PHE A 466 -1.68 -6.68 -6.04
N GLY A 467 -2.70 -6.17 -6.74
CA GLY A 467 -2.53 -5.01 -7.61
C GLY A 467 -3.79 -4.75 -8.42
N GLY A 468 -3.74 -3.74 -9.27
CA GLY A 468 -4.92 -3.26 -9.98
C GLY A 468 -5.04 -3.63 -11.44
N PHE A 469 -6.28 -3.82 -11.89
CA PHE A 469 -6.63 -3.77 -13.30
C PHE A 469 -6.76 -2.28 -13.65
N LYS A 470 -6.59 -1.99 -14.94
CA LYS A 470 -6.86 -0.65 -15.48
C LYS A 470 -6.03 0.43 -14.76
N MET A 471 -6.63 1.59 -14.45
CA MET A 471 -5.90 2.72 -13.88
C MET A 471 -5.72 2.60 -12.36
N SER A 472 -6.13 1.48 -11.77
CA SER A 472 -5.76 1.13 -10.39
C SER A 472 -4.35 0.54 -10.21
N GLY A 473 -3.61 0.33 -11.30
CA GLY A 473 -2.20 -0.11 -11.20
C GLY A 473 -1.60 -0.77 -12.44
N ASN A 474 -0.27 -0.91 -12.40
CA ASN A 474 0.53 -1.71 -13.35
C ASN A 474 1.36 -2.66 -12.51
N GLY A 475 1.18 -3.96 -12.72
CA GLY A 475 1.98 -4.98 -12.05
C GLY A 475 1.36 -5.44 -10.75
N ARG A 476 2.06 -6.34 -10.06
CA ARG A 476 1.58 -6.94 -8.82
C ARG A 476 2.67 -6.91 -7.74
N GLU A 477 2.26 -6.84 -6.49
CA GLU A 477 3.17 -6.91 -5.35
C GLU A 477 2.82 -8.13 -4.54
N LEU A 478 3.87 -8.79 -4.03
CA LEU A 478 3.77 -9.98 -3.20
C LEU A 478 3.27 -11.19 -3.95
N GLY A 479 3.16 -12.31 -3.23
CA GLY A 479 3.00 -13.61 -3.86
C GLY A 479 4.24 -13.97 -4.64
N GLU A 480 4.26 -15.16 -5.20
CA GLU A 480 5.23 -15.54 -6.18
C GLU A 480 5.28 -14.55 -7.36
N TYR A 481 4.10 -14.15 -7.85
CA TYR A 481 4.02 -13.34 -9.08
C TYR A 481 4.68 -11.96 -8.91
N GLY A 482 4.51 -11.37 -7.75
CA GLY A 482 5.03 -10.02 -7.51
C GLY A 482 6.53 -9.97 -7.51
N PHE A 483 7.18 -11.07 -7.16
CA PHE A 483 8.63 -11.16 -7.18
C PHE A 483 9.24 -11.04 -8.59
N HIS A 484 8.47 -11.36 -9.63
CA HIS A 484 8.96 -11.22 -11.01
C HIS A 484 9.38 -9.79 -11.35
N GLU A 485 8.64 -8.80 -10.85
CA GLU A 485 8.91 -7.41 -11.17
C GLU A 485 10.09 -6.79 -10.43
N TYR A 486 10.74 -7.57 -9.57
CA TYR A 486 12.02 -7.14 -9.00
C TYR A 486 13.18 -7.95 -9.58
N THR A 487 12.93 -8.64 -10.69
CA THR A 487 14.01 -9.30 -11.42
C THR A 487 14.10 -8.76 -12.85
N GLU A 488 15.28 -8.90 -13.43
CA GLU A 488 15.53 -8.63 -14.82
C GLU A 488 16.10 -9.92 -15.42
N VAL A 489 15.49 -10.39 -16.51
CA VAL A 489 15.86 -11.69 -17.06
C VAL A 489 16.93 -11.55 -18.14
N LYS A 490 18.01 -12.32 -17.95
CA LYS A 490 19.10 -12.43 -18.90
C LYS A 490 19.11 -13.84 -19.49
N THR A 491 19.12 -13.93 -20.82
CA THR A 491 19.29 -15.20 -21.53
C THR A 491 20.76 -15.39 -21.91
N VAL A 492 21.32 -16.54 -21.54
CA VAL A 492 22.71 -16.87 -21.89
C VAL A 492 22.68 -18.07 -22.79
N THR A 493 23.19 -17.89 -24.01
CA THR A 493 23.14 -18.93 -25.04
C THR A 493 24.56 -19.23 -25.48
N VAL A 494 24.96 -20.48 -25.23
CA VAL A 494 26.33 -20.95 -25.41
C VAL A 494 26.39 -21.95 -26.54
N LYS A 495 27.28 -21.72 -27.51
CA LYS A 495 27.50 -22.66 -28.62
C LYS A 495 28.14 -23.93 -28.06
N ILE A 496 27.63 -25.07 -28.48
CA ILE A 496 28.21 -26.36 -28.12
C ILE A 496 28.32 -27.24 -29.36
N SER A 497 29.19 -28.24 -29.30
CA SER A 497 29.42 -29.15 -30.44
C SER A 497 28.16 -29.95 -30.72
N GLN A 498 27.54 -30.50 -29.68
CA GLN A 498 26.31 -31.27 -29.85
C GLN A 498 25.54 -31.29 -28.56
N LYS A 499 24.25 -30.95 -28.63
CA LYS A 499 23.33 -31.04 -27.51
C LYS A 499 22.68 -32.42 -27.45
N ASN A 500 22.29 -32.81 -26.26
CA ASN A 500 21.46 -33.96 -26.04
C ASN A 500 20.36 -33.55 -25.09
N SER A 501 19.19 -34.12 -25.29
CA SER A 501 18.04 -33.83 -24.45
C SER A 501 18.31 -34.22 -22.99
#